data_5KNH
#
_entry.id   5KNH
#
_cell.length_a   52.410
_cell.length_b   78.490
_cell.length_c   119.440
_cell.angle_alpha   90.00
_cell.angle_beta   90.00
_cell.angle_gamma   90.00
#
_symmetry.space_group_name_H-M   'C 2 2 21'
#
loop_
_entity.id
_entity.type
_entity.pdbx_description
1 polymer 'DARPIN 6G9'
2 polymer IL13
3 non-polymer 'ACETATE ION'
4 water water
#
loop_
_entity_poly.entity_id
_entity_poly.type
_entity_poly.pdbx_seq_one_letter_code
_entity_poly.pdbx_strand_id
1 'polypeptide(L)'
;MRGSHHHHHHGSDLDKKLLEAARAGQDDEVRILMANGADVNARDSYGSTPLHLAAREGHLEIVEVLLKYGADVNAADFIG
DTPLHLAAYRGHLEIVEVLLKYGADVNASDITGETPLHLAAQIGHLEIVEVLLKHGADVNAQDKFGKTPADIAADNGHED
IAEVLQKLN
;
D
2 'polypeptide(L)'
;GPVPPSTALKELIEELVNITQNQKAPLCNGSMVWSINLTAGVYCAALESLINVSGCSAIEKTQRMLNGFCPHKVSAGQFS
SLRVRDTKIEVAQFVKDLLVHLKKLFREGQFN
;
I
#
loop_
_chem_comp.id
_chem_comp.type
_chem_comp.name
_chem_comp.formula
ACT non-polymer 'ACETATE ION' 'C2 H3 O2 -1'
#
# COMPACT_ATOMS: atom_id res chain seq x y z
N SER A 12 26.50 5.75 4.19
CA SER A 12 25.77 5.02 3.11
C SER A 12 25.61 3.53 3.42
N ASP A 13 26.72 2.88 3.82
CA ASP A 13 26.69 1.49 4.23
C ASP A 13 25.86 1.33 5.50
N LEU A 14 26.07 2.24 6.46
CA LEU A 14 25.32 2.25 7.71
C LEU A 14 23.81 2.32 7.43
N ASP A 15 23.44 3.17 6.48
CA ASP A 15 22.03 3.40 6.14
C ASP A 15 21.36 2.16 5.55
N LYS A 16 22.07 1.45 4.67
CA LYS A 16 21.60 0.19 4.11
C LYS A 16 21.44 -0.88 5.19
N LYS A 17 22.42 -0.97 6.08
CA LYS A 17 22.37 -1.90 7.21
C LYS A 17 21.21 -1.57 8.13
N LEU A 18 20.94 -0.28 8.31
CA LEU A 18 19.83 0.12 9.18
C LEU A 18 18.50 -0.32 8.57
N LEU A 19 18.31 -0.10 7.26
CA LEU A 19 17.09 -0.58 6.60
C LEU A 19 16.93 -2.08 6.79
N GLU A 20 18.02 -2.82 6.58
CA GLU A 20 18.02 -4.27 6.72
C GLU A 20 17.66 -4.72 8.14
N ALA A 21 18.31 -4.10 9.14
CA ALA A 21 18.13 -4.50 10.53
C ALA A 21 16.73 -4.16 11.03
N ALA A 22 16.22 -3.00 10.61
CA ALA A 22 14.86 -2.60 10.96
C ALA A 22 13.82 -3.56 10.39
N ARG A 23 14.02 -3.98 9.15
CA ARG A 23 13.10 -4.95 8.53
C ARG A 23 13.14 -6.30 9.25
N ALA A 24 14.35 -6.71 9.64
CA ALA A 24 14.61 -8.03 10.21
C ALA A 24 14.32 -8.14 11.70
N GLY A 25 14.05 -7.02 12.36
CA GLY A 25 13.74 -7.02 13.79
C GLY A 25 14.95 -7.14 14.70
N GLN A 26 16.12 -6.77 14.18
CA GLN A 26 17.37 -6.91 14.91
C GLN A 26 17.59 -5.74 15.85
N ASP A 27 16.99 -5.84 17.04
CA ASP A 27 16.95 -4.74 18.00
C ASP A 27 18.34 -4.20 18.29
N ASP A 28 19.26 -5.10 18.63
CA ASP A 28 20.60 -4.68 19.04
C ASP A 28 21.34 -3.99 17.90
N GLU A 29 21.21 -4.55 16.70
CA GLU A 29 21.87 -3.97 15.53
C GLU A 29 21.35 -2.56 15.22
N VAL A 30 20.03 -2.37 15.33
CA VAL A 30 19.46 -1.03 15.16
C VAL A 30 20.05 -0.05 16.17
N ARG A 31 20.17 -0.46 17.43
CA ARG A 31 20.72 0.43 18.47
C ARG A 31 22.15 0.82 18.14
N ILE A 32 22.94 -0.16 17.72
CA ILE A 32 24.34 0.05 17.37
C ILE A 32 24.49 0.98 16.18
N LEU A 33 23.75 0.70 15.11
CA LEU A 33 23.82 1.53 13.91
C LEU A 33 23.39 2.97 14.19
N MET A 34 22.37 3.16 15.02
CA MET A 34 21.90 4.51 15.35
C MET A 34 22.95 5.26 16.18
N ALA A 35 23.53 4.59 17.17
CA ALA A 35 24.61 5.16 17.97
C ALA A 35 25.85 5.52 17.14
N ASN A 36 26.07 4.79 16.04
CA ASN A 36 27.22 5.02 15.16
C ASN A 36 26.95 6.02 14.00
N GLY A 37 25.78 6.63 14.02
CA GLY A 37 25.48 7.72 13.07
C GLY A 37 24.65 7.39 11.85
N ALA A 38 24.00 6.23 11.84
CA ALA A 38 23.11 5.87 10.72
C ALA A 38 22.01 6.92 10.58
N ASP A 39 21.59 7.17 9.34
CA ASP A 39 20.52 8.13 9.04
C ASP A 39 19.16 7.50 9.36
N VAL A 40 18.51 8.03 10.39
CA VAL A 40 17.22 7.49 10.84
C VAL A 40 16.17 7.48 9.72
N ASN A 41 16.30 8.40 8.77
CA ASN A 41 15.36 8.51 7.66
C ASN A 41 15.93 8.05 6.32
N ALA A 42 16.86 7.11 6.36
CA ALA A 42 17.35 6.43 5.16
C ALA A 42 16.18 5.97 4.28
N ARG A 43 16.39 5.99 2.96
CA ARG A 43 15.38 5.62 1.99
C ARG A 43 15.89 4.53 1.08
N ASP A 44 15.07 3.51 0.87
CA ASP A 44 15.36 2.56 -0.21
C ASP A 44 14.81 3.03 -1.57
N SER A 45 14.95 2.18 -2.58
CA SER A 45 14.53 2.55 -3.95
C SER A 45 13.02 2.75 -4.09
N TYR A 46 12.25 2.24 -3.14
CA TYR A 46 10.80 2.42 -3.15
C TYR A 46 10.32 3.56 -2.24
N GLY A 47 11.27 4.29 -1.67
CA GLY A 47 10.93 5.36 -0.75
C GLY A 47 10.67 4.87 0.66
N SER A 48 10.92 3.59 0.95
CA SER A 48 10.68 3.07 2.30
C SER A 48 11.78 3.49 3.26
N THR A 49 11.38 3.94 4.44
CA THR A 49 12.30 4.26 5.54
C THR A 49 12.39 3.12 6.55
N PRO A 50 13.40 3.14 7.44
CA PRO A 50 13.46 2.11 8.49
C PRO A 50 12.14 2.04 9.28
N LEU A 51 11.53 3.20 9.57
CA LEU A 51 10.26 3.23 10.29
C LEU A 51 9.14 2.52 9.50
N HIS A 52 9.10 2.70 8.18
CA HIS A 52 8.11 1.97 7.35
C HIS A 52 8.31 0.47 7.52
N LEU A 53 9.56 0.01 7.38
CA LEU A 53 9.83 -1.41 7.41
C LEU A 53 9.54 -2.01 8.78
N ALA A 54 9.99 -1.34 9.84
CA ALA A 54 9.75 -1.84 11.19
C ALA A 54 8.25 -1.89 11.52
N ALA A 55 7.50 -0.85 11.15
CA ALA A 55 6.06 -0.81 11.40
C ALA A 55 5.36 -1.92 10.63
N ARG A 56 5.74 -2.07 9.37
CA ARG A 56 5.14 -3.09 8.52
C ARG A 56 5.36 -4.50 9.05
N GLU A 57 6.54 -4.73 9.62
CA GLU A 57 6.94 -6.05 10.08
C GLU A 57 6.64 -6.31 11.55
N GLY A 58 6.01 -5.35 12.21
CA GLY A 58 5.53 -5.53 13.58
C GLY A 58 6.61 -5.40 14.64
N HIS A 59 7.70 -4.72 14.31
CA HIS A 59 8.85 -4.62 15.23
C HIS A 59 8.76 -3.41 16.15
N LEU A 60 8.06 -3.60 17.26
CA LEU A 60 7.65 -2.51 18.16
C LEU A 60 8.84 -1.82 18.80
N GLU A 61 9.77 -2.61 19.36
CA GLU A 61 10.94 -2.00 20.01
C GLU A 61 11.69 -1.09 19.04
N ILE A 62 11.88 -1.58 17.82
CA ILE A 62 12.57 -0.82 16.78
C ILE A 62 11.79 0.45 16.39
N VAL A 63 10.47 0.34 16.24
CA VAL A 63 9.63 1.51 15.98
C VAL A 63 9.88 2.56 17.07
N GLU A 64 9.87 2.13 18.33
CA GLU A 64 10.10 3.04 19.47
C GLU A 64 11.48 3.72 19.41
N VAL A 65 12.52 2.92 19.19
CA VAL A 65 13.91 3.42 19.09
C VAL A 65 14.00 4.45 17.97
N LEU A 66 13.45 4.12 16.80
CA LEU A 66 13.54 5.03 15.65
C LEU A 66 12.82 6.34 15.94
N LEU A 67 11.62 6.27 16.52
CA LEU A 67 10.88 7.49 16.83
C LEU A 67 11.66 8.36 17.80
N LYS A 68 12.27 7.73 18.80
CA LYS A 68 13.08 8.49 19.78
C LYS A 68 14.32 9.14 19.15
N TYR A 69 14.81 8.58 18.05
CA TYR A 69 15.92 9.15 17.29
C TYR A 69 15.49 10.17 16.23
N GLY A 70 14.20 10.53 16.24
CA GLY A 70 13.66 11.55 15.32
C GLY A 70 13.20 11.05 13.98
N ALA A 71 12.81 9.76 13.89
CA ALA A 71 12.29 9.25 12.62
C ALA A 71 11.11 10.08 12.16
N ASP A 72 11.00 10.29 10.85
CA ASP A 72 9.91 11.05 10.27
C ASP A 72 8.65 10.20 10.29
N VAL A 73 7.77 10.49 11.23
CA VAL A 73 6.61 9.64 11.50
C VAL A 73 5.65 9.60 10.30
N ASN A 74 5.69 10.65 9.48
CA ASN A 74 4.79 10.79 8.33
C ASN A 74 5.49 10.66 6.97
N ALA A 75 6.67 10.06 6.95
CA ALA A 75 7.38 9.78 5.71
C ALA A 75 6.48 8.97 4.78
N ALA A 76 6.49 9.31 3.50
CA ALA A 76 5.66 8.60 2.51
C ALA A 76 6.51 7.83 1.52
N ASP A 77 6.15 6.56 1.29
CA ASP A 77 6.82 5.76 0.27
C ASP A 77 6.22 6.02 -1.12
N PHE A 78 6.63 5.23 -2.12
CA PHE A 78 6.23 5.55 -3.50
C PHE A 78 4.73 5.43 -3.78
N ILE A 79 4.01 4.69 -2.93
CA ILE A 79 2.55 4.60 -3.09
C ILE A 79 1.81 5.42 -2.06
N GLY A 80 2.56 6.29 -1.38
CA GLY A 80 1.98 7.21 -0.43
C GLY A 80 1.68 6.61 0.94
N ASP A 81 2.20 5.41 1.21
CA ASP A 81 2.02 4.83 2.56
C ASP A 81 2.85 5.61 3.54
N THR A 82 2.24 6.01 4.65
CA THR A 82 3.01 6.35 5.84
C THR A 82 3.20 5.10 6.69
N PRO A 83 4.11 5.12 7.67
CA PRO A 83 4.21 3.97 8.57
C PRO A 83 2.85 3.59 9.19
N LEU A 84 2.01 4.58 9.50
CA LEU A 84 0.68 4.29 10.04
C LEU A 84 -0.18 3.45 9.06
N HIS A 85 -0.14 3.75 7.76
CA HIS A 85 -0.85 2.91 6.80
C HIS A 85 -0.44 1.45 6.93
N LEU A 86 0.87 1.22 7.05
CA LEU A 86 1.42 -0.13 7.08
C LEU A 86 1.11 -0.84 8.39
N ALA A 87 1.24 -0.13 9.51
CA ALA A 87 0.87 -0.67 10.83
C ALA A 87 -0.61 -1.06 10.86
N ALA A 88 -1.48 -0.21 10.31
CA ALA A 88 -2.91 -0.52 10.26
C ALA A 88 -3.20 -1.73 9.38
N TYR A 89 -2.66 -1.71 8.16
CA TYR A 89 -2.92 -2.77 7.19
C TYR A 89 -2.38 -4.12 7.68
N ARG A 90 -1.22 -4.09 8.34
CA ARG A 90 -0.60 -5.33 8.82
C ARG A 90 -1.10 -5.75 10.20
N GLY A 91 -2.01 -4.97 10.77
CA GLY A 91 -2.76 -5.39 11.94
C GLY A 91 -1.98 -5.30 13.25
N HIS A 92 -1.12 -4.29 13.37
CA HIS A 92 -0.33 -4.14 14.60
C HIS A 92 -0.82 -2.98 15.45
N LEU A 93 -1.80 -3.27 16.31
CA LEU A 93 -2.46 -2.30 17.15
C LEU A 93 -1.47 -1.51 17.98
N GLU A 94 -0.48 -2.21 18.54
CA GLU A 94 0.49 -1.59 19.45
C GLU A 94 1.30 -0.56 18.69
N ILE A 95 1.58 -0.85 17.42
CA ILE A 95 2.38 0.09 16.59
C ILE A 95 1.53 1.25 16.10
N VAL A 96 0.28 0.99 15.75
CA VAL A 96 -0.67 2.06 15.47
C VAL A 96 -0.69 3.06 16.64
N GLU A 97 -0.82 2.53 17.85
CA GLU A 97 -0.89 3.36 19.05
C GLU A 97 0.37 4.23 19.22
N VAL A 98 1.56 3.64 19.10
CA VAL A 98 2.78 4.41 19.33
C VAL A 98 3.02 5.44 18.22
N LEU A 99 2.71 5.08 16.97
CA LEU A 99 2.86 6.04 15.88
C LEU A 99 1.96 7.25 16.12
N LEU A 100 0.73 7.04 16.55
CA LEU A 100 -0.19 8.15 16.85
C LEU A 100 0.34 9.00 18.01
N LYS A 101 0.88 8.33 19.02
CA LYS A 101 1.46 9.01 20.19
C LYS A 101 2.56 9.98 19.74
N TYR A 102 3.36 9.56 18.76
CA TYR A 102 4.47 10.37 18.25
C TYR A 102 4.14 11.24 17.03
N GLY A 103 2.85 11.48 16.84
CA GLY A 103 2.38 12.48 15.88
C GLY A 103 2.00 12.05 14.48
N ALA A 104 1.80 10.76 14.27
CA ALA A 104 1.33 10.32 12.97
C ALA A 104 0.03 11.02 12.59
N ASP A 105 -0.05 11.39 11.32
CA ASP A 105 -1.25 11.96 10.74
C ASP A 105 -2.27 10.86 10.54
N VAL A 106 -3.31 10.89 11.38
CA VAL A 106 -4.34 9.84 11.38
C VAL A 106 -5.08 9.75 10.03
N ASN A 107 -5.08 10.84 9.26
CA ASN A 107 -5.84 10.93 8.01
C ASN A 107 -4.98 11.02 6.75
N ALA A 108 -3.72 10.59 6.86
CA ALA A 108 -2.81 10.59 5.70
C ALA A 108 -3.43 9.80 4.57
N SER A 109 -3.26 10.31 3.36
CA SER A 109 -3.87 9.72 2.16
C SER A 109 -2.80 9.16 1.22
N ASP A 110 -2.96 7.92 0.77
CA ASP A 110 -1.98 7.30 -0.13
C ASP A 110 -2.31 7.65 -1.59
N ILE A 111 -1.62 6.99 -2.53
CA ILE A 111 -1.71 7.31 -3.96
C ILE A 111 -3.13 7.18 -4.54
N THR A 112 -3.97 6.36 -3.92
CA THR A 112 -5.37 6.26 -4.37
C THR A 112 -6.36 6.78 -3.34
N GLY A 113 -5.85 7.63 -2.43
CA GLY A 113 -6.70 8.30 -1.44
C GLY A 113 -7.11 7.43 -0.26
N GLU A 114 -6.47 6.28 -0.07
CA GLU A 114 -6.79 5.43 1.10
C GLU A 114 -6.16 6.03 2.35
N THR A 115 -6.96 6.13 3.40
CA THR A 115 -6.47 6.55 4.72
C THR A 115 -6.21 5.28 5.53
N PRO A 116 -5.51 5.41 6.68
CA PRO A 116 -5.33 4.24 7.55
C PRO A 116 -6.67 3.60 7.94
N LEU A 117 -7.71 4.41 8.14
CA LEU A 117 -9.06 3.89 8.44
C LEU A 117 -9.60 3.01 7.30
N HIS A 118 -9.35 3.41 6.05
CA HIS A 118 -9.75 2.57 4.91
C HIS A 118 -9.11 1.21 5.01
N LEU A 119 -7.81 1.17 5.33
CA LEU A 119 -7.06 -0.08 5.32
C LEU A 119 -7.44 -0.97 6.50
N ALA A 120 -7.70 -0.36 7.67
CA ALA A 120 -8.16 -1.13 8.84
C ALA A 120 -9.53 -1.73 8.56
N ALA A 121 -10.38 -0.99 7.86
CA ALA A 121 -11.71 -1.49 7.49
C ALA A 121 -11.57 -2.67 6.53
N GLN A 122 -10.64 -2.55 5.59
CA GLN A 122 -10.41 -3.58 4.58
C GLN A 122 -10.06 -4.93 5.22
N ILE A 123 -9.16 -4.90 6.21
CA ILE A 123 -8.67 -6.13 6.83
C ILE A 123 -9.55 -6.58 7.98
N GLY A 124 -10.52 -5.76 8.34
CA GLY A 124 -11.46 -6.13 9.39
C GLY A 124 -10.84 -6.14 10.78
N HIS A 125 -10.08 -5.09 11.11
CA HIS A 125 -9.47 -4.98 12.43
C HIS A 125 -10.19 -3.95 13.25
N LEU A 126 -11.17 -4.39 14.03
CA LEU A 126 -12.00 -3.47 14.79
C LEU A 126 -11.27 -2.63 15.84
N GLU A 127 -10.32 -3.25 16.54
CA GLU A 127 -9.58 -2.55 17.59
C GLU A 127 -8.79 -1.39 16.98
N ILE A 128 -8.15 -1.64 15.83
CA ILE A 128 -7.41 -0.57 15.15
C ILE A 128 -8.38 0.52 14.66
N VAL A 129 -9.51 0.13 14.08
CA VAL A 129 -10.54 1.10 13.70
C VAL A 129 -10.88 2.00 14.89
N GLU A 130 -11.13 1.36 16.04
CA GLU A 130 -11.53 2.12 17.23
C GLU A 130 -10.44 3.11 17.67
N VAL A 131 -9.19 2.67 17.67
CA VAL A 131 -8.11 3.56 18.04
C VAL A 131 -8.01 4.74 17.06
N LEU A 132 -8.12 4.45 15.77
CA LEU A 132 -8.04 5.52 14.77
C LEU A 132 -9.16 6.54 14.98
N LEU A 133 -10.37 6.05 15.26
CA LEU A 133 -11.50 6.94 15.53
C LEU A 133 -11.26 7.80 16.75
N LYS A 134 -10.68 7.19 17.79
CA LYS A 134 -10.39 7.91 19.03
C LYS A 134 -9.42 9.05 18.78
N HIS A 135 -8.61 8.92 17.74
CA HIS A 135 -7.60 9.93 17.39
C HIS A 135 -8.02 10.82 16.23
N GLY A 136 -9.32 10.84 15.94
CA GLY A 136 -9.90 11.77 14.98
C GLY A 136 -9.89 11.34 13.52
N ALA A 137 -9.84 10.04 13.28
CA ALA A 137 -9.95 9.55 11.89
C ALA A 137 -11.27 10.01 11.27
N ASP A 138 -11.18 10.40 10.00
CA ASP A 138 -12.29 10.95 9.22
C ASP A 138 -13.15 9.84 8.61
N VAL A 139 -14.32 9.59 9.20
CA VAL A 139 -15.22 8.55 8.66
C VAL A 139 -15.78 8.90 7.28
N ASN A 140 -15.73 10.18 6.92
CA ASN A 140 -16.34 10.62 5.67
C ASN A 140 -15.34 10.71 4.52
N ALA A 141 -14.08 10.36 4.80
CA ALA A 141 -13.02 10.43 3.78
C ALA A 141 -13.31 9.48 2.62
N GLN A 142 -13.35 10.03 1.42
CA GLN A 142 -13.55 9.20 0.22
C GLN A 142 -12.22 9.02 -0.46
N ASP A 143 -11.93 7.77 -0.85
CA ASP A 143 -10.74 7.49 -1.65
C ASP A 143 -11.00 7.86 -3.13
N LYS A 144 -10.03 7.60 -3.99
CA LYS A 144 -10.14 8.01 -5.40
C LYS A 144 -11.06 7.11 -6.20
N PHE A 145 -11.61 6.10 -5.53
CA PHE A 145 -12.67 5.27 -6.10
C PHE A 145 -14.06 5.61 -5.54
N GLY A 146 -14.15 6.69 -4.77
CA GLY A 146 -15.40 7.17 -4.19
C GLY A 146 -15.86 6.46 -2.94
N LYS A 147 -14.99 5.62 -2.36
CA LYS A 147 -15.38 4.78 -1.23
C LYS A 147 -14.96 5.38 0.10
N THR A 148 -15.88 5.36 1.05
CA THR A 148 -15.58 5.70 2.44
C THR A 148 -15.05 4.43 3.13
N PRO A 149 -14.43 4.56 4.32
CA PRO A 149 -14.07 3.38 5.09
C PRO A 149 -15.23 2.41 5.35
N ALA A 150 -16.42 2.93 5.67
CA ALA A 150 -17.60 2.06 5.85
C ALA A 150 -17.92 1.25 4.60
N ASP A 151 -17.78 1.87 3.42
CA ASP A 151 -17.99 1.16 2.15
C ASP A 151 -17.01 -0.01 2.01
N ILE A 152 -15.74 0.26 2.29
CA ILE A 152 -14.69 -0.75 2.26
C ILE A 152 -14.98 -1.89 3.23
N ALA A 153 -15.41 -1.56 4.45
CA ALA A 153 -15.74 -2.59 5.43
C ALA A 153 -16.85 -3.50 4.92
N ALA A 154 -17.90 -2.92 4.35
CA ALA A 154 -19.00 -3.73 3.82
C ALA A 154 -18.51 -4.59 2.65
N ASP A 155 -17.70 -4.00 1.76
CA ASP A 155 -17.19 -4.70 0.56
C ASP A 155 -16.36 -5.93 0.93
N ASN A 156 -15.73 -5.89 2.10
CA ASN A 156 -14.86 -6.98 2.57
C ASN A 156 -15.48 -7.85 3.66
N GLY A 157 -16.80 -7.82 3.77
CA GLY A 157 -17.55 -8.66 4.69
C GLY A 157 -17.27 -8.44 6.17
N HIS A 158 -17.09 -7.17 6.52
CA HIS A 158 -16.93 -6.75 7.91
C HIS A 158 -18.06 -5.82 8.33
N GLU A 159 -19.24 -6.40 8.46
CA GLU A 159 -20.44 -5.64 8.79
C GLU A 159 -20.35 -4.91 10.12
N ASP A 160 -19.72 -5.53 11.13
CA ASP A 160 -19.61 -4.90 12.43
C ASP A 160 -18.85 -3.56 12.36
N ILE A 161 -17.77 -3.54 11.58
CA ILE A 161 -17.02 -2.30 11.33
C ILE A 161 -17.83 -1.29 10.52
N ALA A 162 -18.52 -1.78 9.48
CA ALA A 162 -19.37 -0.92 8.66
C ALA A 162 -20.39 -0.20 9.55
N GLU A 163 -21.03 -0.95 10.45
CA GLU A 163 -22.05 -0.37 11.33
C GLU A 163 -21.49 0.69 12.27
N VAL A 164 -20.35 0.40 12.91
CA VAL A 164 -19.68 1.37 13.77
C VAL A 164 -19.42 2.66 13.01
N LEU A 165 -18.87 2.53 11.80
CA LEU A 165 -18.51 3.70 11.01
C LEU A 165 -19.75 4.49 10.53
N GLN A 166 -20.83 3.78 10.26
CA GLN A 166 -22.07 4.38 9.74
C GLN A 166 -22.88 5.10 10.83
N LYS A 167 -22.59 4.77 12.08
CA LYS A 167 -23.22 5.44 13.22
C LYS A 167 -22.52 6.75 13.59
N LEU A 168 -21.48 7.12 12.83
CA LEU A 168 -20.70 8.34 13.10
C LEU A 168 -20.67 9.33 11.93
N VAL B 3 15.93 -1.88 -16.79
CA VAL B 3 15.22 -1.22 -15.65
C VAL B 3 15.11 -2.15 -14.45
N PRO B 4 15.44 -1.63 -13.24
CA PRO B 4 15.35 -2.37 -11.97
C PRO B 4 13.92 -2.77 -11.63
N PRO B 5 13.74 -3.78 -10.75
CA PRO B 5 12.40 -4.15 -10.29
C PRO B 5 11.61 -2.97 -9.68
N SER B 6 12.31 -2.04 -9.03
CA SER B 6 11.66 -0.89 -8.40
C SER B 6 11.11 0.10 -9.43
N THR B 7 11.87 0.27 -10.52
CA THR B 7 11.45 1.09 -11.64
C THR B 7 10.24 0.46 -12.34
N ALA B 8 10.27 -0.85 -12.54
CA ALA B 8 9.17 -1.57 -13.18
C ALA B 8 7.86 -1.34 -12.42
N LEU B 9 7.88 -1.55 -11.11
CA LEU B 9 6.70 -1.39 -10.31
C LEU B 9 6.19 0.07 -10.23
N LYS B 10 7.10 1.02 -10.01
CA LYS B 10 6.70 2.42 -9.92
C LYS B 10 5.99 2.89 -11.20
N GLU B 11 6.59 2.58 -12.35
CA GLU B 11 6.00 3.05 -13.59
C GLU B 11 4.66 2.37 -13.87
N LEU B 12 4.54 1.08 -13.58
CA LEU B 12 3.28 0.37 -13.77
C LEU B 12 2.19 0.91 -12.85
N ILE B 13 2.49 1.06 -11.56
CA ILE B 13 1.51 1.64 -10.63
C ILE B 13 1.05 3.04 -11.07
N GLU B 14 2.00 3.92 -11.39
CA GLU B 14 1.67 5.29 -11.80
C GLU B 14 0.71 5.28 -13.00
N GLU B 15 0.99 4.42 -13.98
CA GLU B 15 0.13 4.30 -15.16
C GLU B 15 -1.27 3.81 -14.80
N LEU B 16 -1.37 2.79 -13.95
CA LEU B 16 -2.67 2.29 -13.54
C LEU B 16 -3.50 3.35 -12.81
N VAL B 17 -2.85 4.13 -11.94
CA VAL B 17 -3.53 5.24 -11.26
C VAL B 17 -4.05 6.23 -12.31
N ASN B 18 -3.18 6.60 -13.26
CA ASN B 18 -3.56 7.50 -14.36
C ASN B 18 -4.84 7.02 -15.07
N ILE B 19 -4.89 5.73 -15.41
CA ILE B 19 -6.08 5.17 -16.09
C ILE B 19 -7.34 5.31 -15.24
N THR B 20 -7.26 4.96 -13.95
CA THR B 20 -8.47 4.95 -13.11
C THR B 20 -9.05 6.34 -12.93
N GLN B 21 -8.20 7.35 -13.01
CA GLN B 21 -8.61 8.73 -12.74
C GLN B 21 -8.95 9.54 -13.99
N ASN B 22 -8.30 9.21 -15.11
CA ASN B 22 -8.32 10.07 -16.30
C ASN B 22 -8.98 9.48 -17.55
N GLN B 23 -9.33 8.20 -17.50
CA GLN B 23 -10.07 7.58 -18.60
C GLN B 23 -11.49 7.25 -18.14
N LYS B 24 -12.45 7.55 -19.01
CA LYS B 24 -13.86 7.33 -18.70
C LYS B 24 -14.26 5.86 -18.86
N ALA B 25 -14.89 5.30 -17.84
CA ALA B 25 -15.45 3.96 -17.93
C ALA B 25 -16.73 4.01 -18.77
N PRO B 26 -17.01 2.96 -19.56
CA PRO B 26 -16.24 1.72 -19.78
C PRO B 26 -15.01 1.91 -20.67
N LEU B 27 -13.96 1.16 -20.36
CA LEU B 27 -12.74 1.14 -21.16
C LEU B 27 -12.83 0.17 -22.33
N CYS B 28 -12.09 0.46 -23.38
CA CYS B 28 -11.91 -0.48 -24.49
C CYS B 28 -13.23 -0.93 -25.11
N ASN B 29 -14.16 0.00 -25.28
CA ASN B 29 -15.45 -0.28 -25.94
C ASN B 29 -16.30 -1.32 -25.24
N GLY B 30 -16.14 -1.45 -23.92
CA GLY B 30 -16.94 -2.42 -23.16
C GLY B 30 -16.38 -3.83 -23.23
N SER B 31 -15.11 -3.97 -23.57
CA SER B 31 -14.42 -5.26 -23.56
C SER B 31 -14.47 -5.92 -22.18
N MET B 32 -14.56 -7.23 -22.20
CA MET B 32 -14.46 -8.02 -20.97
C MET B 32 -13.22 -8.92 -21.02
N VAL B 33 -12.61 -9.10 -19.84
CA VAL B 33 -11.40 -9.93 -19.72
C VAL B 33 -11.52 -10.84 -18.50
N TRP B 34 -10.74 -11.92 -18.48
CA TRP B 34 -10.66 -12.77 -17.30
C TRP B 34 -9.88 -12.07 -16.21
N SER B 35 -10.34 -12.22 -14.96
CA SER B 35 -9.61 -11.65 -13.83
C SER B 35 -8.25 -12.32 -13.76
N ILE B 36 -7.32 -11.68 -13.08
CA ILE B 36 -5.94 -12.15 -13.04
C ILE B 36 -5.88 -13.55 -12.42
N ASN B 37 -5.09 -14.44 -13.02
CA ASN B 37 -4.87 -15.79 -12.48
C ASN B 37 -3.82 -15.69 -11.37
N LEU B 38 -4.26 -15.89 -10.13
CA LEU B 38 -3.40 -15.71 -8.96
C LEU B 38 -2.41 -16.86 -8.76
N THR B 39 -2.53 -17.91 -9.58
CA THR B 39 -1.56 -18.99 -9.52
C THR B 39 -0.32 -18.67 -10.34
N ALA B 40 -0.38 -17.60 -11.15
CA ALA B 40 0.69 -17.21 -12.05
C ALA B 40 1.44 -15.98 -11.54
N GLY B 41 2.59 -15.67 -12.15
CA GLY B 41 3.33 -14.45 -11.79
C GLY B 41 2.48 -13.25 -12.14
N VAL B 42 2.50 -12.21 -11.30
CA VAL B 42 1.54 -11.11 -11.45
C VAL B 42 1.68 -10.42 -12.82
N TYR B 43 2.91 -10.17 -13.27
CA TYR B 43 3.06 -9.43 -14.52
C TYR B 43 2.60 -10.27 -15.70
N CYS B 44 3.03 -11.53 -15.73
CA CYS B 44 2.62 -12.45 -16.78
C CYS B 44 1.12 -12.70 -16.77
N ALA B 45 0.55 -12.81 -15.58
CA ALA B 45 -0.90 -13.03 -15.42
C ALA B 45 -1.69 -11.84 -15.98
N ALA B 46 -1.22 -10.64 -15.68
CA ALA B 46 -1.87 -9.43 -16.16
C ALA B 46 -1.77 -9.33 -17.68
N LEU B 47 -0.60 -9.64 -18.22
CA LEU B 47 -0.41 -9.66 -19.67
C LEU B 47 -1.41 -10.62 -20.32
N GLU B 48 -1.54 -11.83 -19.75
CA GLU B 48 -2.43 -12.85 -20.28
C GLU B 48 -3.90 -12.42 -20.27
N SER B 49 -4.32 -11.79 -19.17
CA SER B 49 -5.70 -11.30 -19.06
C SER B 49 -6.04 -10.31 -20.18
N LEU B 50 -5.08 -9.45 -20.53
CA LEU B 50 -5.32 -8.38 -21.51
C LEU B 50 -4.99 -8.75 -22.95
N ILE B 51 -4.49 -9.96 -23.15
CA ILE B 51 -3.87 -10.34 -24.43
C ILE B 51 -4.81 -10.24 -25.64
N ASN B 52 -6.11 -10.45 -25.42
CA ASN B 52 -7.09 -10.46 -26.51
C ASN B 52 -7.76 -9.12 -26.79
N VAL B 53 -7.38 -8.10 -26.03
CA VAL B 53 -7.83 -6.74 -26.27
C VAL B 53 -6.77 -6.11 -27.17
N SER B 54 -7.17 -5.80 -28.39
CA SER B 54 -6.26 -5.20 -29.36
C SER B 54 -6.75 -3.82 -29.72
N GLY B 55 -5.81 -2.89 -29.91
CA GLY B 55 -6.12 -1.56 -30.40
C GLY B 55 -6.85 -0.69 -29.42
N CYS B 56 -6.77 -1.01 -28.13
CA CYS B 56 -7.36 -0.14 -27.13
C CYS B 56 -6.29 0.81 -26.62
N SER B 57 -6.39 2.08 -27.01
CA SER B 57 -5.31 2.99 -26.69
C SER B 57 -5.18 3.21 -25.18
N ALA B 58 -6.29 3.11 -24.42
CA ALA B 58 -6.26 3.35 -22.97
C ALA B 58 -5.27 2.43 -22.26
N ILE B 59 -5.23 1.16 -22.67
CA ILE B 59 -4.38 0.17 -22.00
C ILE B 59 -3.06 -0.13 -22.74
N GLU B 60 -2.81 0.59 -23.84
CA GLU B 60 -1.65 0.30 -24.68
C GLU B 60 -0.32 0.40 -23.91
N LYS B 61 -0.15 1.48 -23.14
CA LYS B 61 1.10 1.64 -22.40
C LYS B 61 1.24 0.56 -21.32
N THR B 62 0.15 0.21 -20.65
CA THR B 62 0.15 -0.87 -19.67
C THR B 62 0.62 -2.18 -20.31
N GLN B 63 0.05 -2.50 -21.47
CA GLN B 63 0.41 -3.73 -22.17
C GLN B 63 1.88 -3.73 -22.57
N ARG B 64 2.36 -2.58 -23.04
CA ARG B 64 3.76 -2.41 -23.43
C ARG B 64 4.69 -2.70 -22.26
N MET B 65 4.41 -2.07 -21.11
CA MET B 65 5.16 -2.28 -19.87
C MET B 65 5.13 -3.74 -19.46
N LEU B 66 3.94 -4.34 -19.42
CA LEU B 66 3.77 -5.74 -19.01
C LEU B 66 4.56 -6.70 -19.91
N ASN B 67 4.55 -6.45 -21.22
CA ASN B 67 5.37 -7.23 -22.14
C ASN B 67 6.85 -7.22 -21.78
N GLY B 68 7.35 -6.05 -21.37
CA GLY B 68 8.74 -5.89 -20.95
C GLY B 68 9.04 -6.53 -19.61
N PHE B 69 8.04 -6.58 -18.73
CA PHE B 69 8.23 -7.17 -17.41
C PHE B 69 8.05 -8.69 -17.41
N CYS B 70 7.31 -9.19 -18.40
CA CYS B 70 7.13 -10.62 -18.65
C CYS B 70 7.63 -10.95 -20.07
N PRO B 71 8.97 -10.95 -20.27
CA PRO B 71 9.50 -11.15 -21.63
C PRO B 71 9.21 -12.53 -22.22
N HIS B 72 9.33 -13.58 -21.41
CA HIS B 72 9.14 -14.97 -21.86
C HIS B 72 7.68 -15.29 -22.18
N ASP B 86 -11.75 -16.79 -12.30
CA ASP B 86 -12.91 -16.87 -11.41
C ASP B 86 -14.11 -16.08 -11.94
N THR B 87 -13.83 -14.98 -12.64
CA THR B 87 -14.88 -14.16 -13.23
C THR B 87 -14.38 -13.30 -14.40
N LYS B 88 -15.17 -13.24 -15.48
CA LYS B 88 -14.98 -12.24 -16.54
C LYS B 88 -15.45 -10.90 -16.01
N ILE B 89 -14.62 -9.86 -16.24
CA ILE B 89 -14.87 -8.54 -15.69
C ILE B 89 -14.59 -7.49 -16.76
N GLU B 90 -15.17 -6.30 -16.59
CA GLU B 90 -14.86 -5.16 -17.45
C GLU B 90 -13.41 -4.74 -17.25
N VAL B 91 -12.83 -4.13 -18.28
CA VAL B 91 -11.44 -3.68 -18.20
C VAL B 91 -11.21 -2.65 -17.10
N ALA B 92 -12.15 -1.72 -16.89
CA ALA B 92 -11.99 -0.75 -15.80
C ALA B 92 -11.85 -1.44 -14.44
N GLN B 93 -12.65 -2.47 -14.21
CA GLN B 93 -12.54 -3.27 -13.00
C GLN B 93 -11.20 -4.00 -12.94
N PHE B 94 -10.73 -4.52 -14.07
CA PHE B 94 -9.48 -5.25 -14.11
C PHE B 94 -8.32 -4.33 -13.71
N VAL B 95 -8.34 -3.11 -14.25
CA VAL B 95 -7.30 -2.11 -13.98
C VAL B 95 -7.28 -1.76 -12.48
N LYS B 96 -8.46 -1.49 -11.92
CA LYS B 96 -8.56 -1.20 -10.49
C LYS B 96 -8.07 -2.40 -9.66
N ASP B 97 -8.51 -3.60 -10.00
CA ASP B 97 -8.11 -4.78 -9.24
C ASP B 97 -6.61 -5.03 -9.32
N LEU B 98 -6.00 -4.78 -10.48
CA LEU B 98 -4.57 -4.98 -10.63
C LEU B 98 -3.81 -3.99 -9.76
N LEU B 99 -4.23 -2.74 -9.81
CA LEU B 99 -3.62 -1.67 -9.02
C LEU B 99 -3.69 -2.00 -7.51
N VAL B 100 -4.88 -2.39 -7.04
CA VAL B 100 -5.07 -2.74 -5.62
C VAL B 100 -4.20 -3.96 -5.26
N HIS B 101 -4.15 -4.94 -6.16
CA HIS B 101 -3.36 -6.14 -5.91
C HIS B 101 -1.86 -5.82 -5.78
N LEU B 102 -1.35 -4.97 -6.66
CA LEU B 102 0.05 -4.56 -6.58
C LEU B 102 0.34 -3.76 -5.30
N LYS B 103 -0.54 -2.85 -4.93
CA LYS B 103 -0.36 -2.12 -3.66
C LYS B 103 -0.33 -3.09 -2.47
N LYS B 104 -1.27 -4.03 -2.43
CA LYS B 104 -1.28 -5.06 -1.38
C LYS B 104 0.03 -5.87 -1.35
N LEU B 105 0.47 -6.36 -2.50
CA LEU B 105 1.75 -7.07 -2.58
C LEU B 105 2.90 -6.22 -2.00
N PHE B 106 2.90 -4.92 -2.30
CA PHE B 106 3.94 -4.06 -1.76
C PHE B 106 3.81 -3.92 -0.22
N ARG B 107 2.58 -3.76 0.27
CA ARG B 107 2.35 -3.59 1.72
C ARG B 107 2.64 -4.91 2.44
N GLU B 108 2.66 -6.01 1.68
CA GLU B 108 2.92 -7.34 2.23
C GLU B 108 4.39 -7.76 2.15
N GLY B 109 5.27 -6.81 1.78
CA GLY B 109 6.70 -7.06 1.76
C GLY B 109 7.16 -8.00 0.68
N GLN B 110 6.44 -8.04 -0.43
CA GLN B 110 6.81 -8.93 -1.52
C GLN B 110 7.83 -8.31 -2.50
N PHE B 111 8.09 -7.01 -2.36
CA PHE B 111 9.07 -6.32 -3.21
C PHE B 111 10.27 -5.77 -2.44
N ASN B 112 10.10 -5.60 -1.13
CA ASN B 112 11.17 -5.04 -0.28
C ASN B 112 10.96 -5.37 1.17
C ACT C . -6.12 -0.72 -1.23
O ACT C . -5.91 -1.79 -0.62
OXT ACT C . -5.11 -0.10 -1.52
CH3 ACT C . -7.49 -0.23 -1.60
#